data_4A6V
#
_entry.id   4A6V
#
_cell.length_a   53.230
_cell.length_b   61.250
_cell.length_c   77.760
_cell.angle_alpha   90.00
_cell.angle_beta   107.62
_cell.angle_gamma   90.00
#
_symmetry.space_group_name_H-M   'P 1 21 1'
#
loop_
_entity.id
_entity.type
_entity.pdbx_description
1 polymer 'METHIONINE AMINOPEPTIDASE'
2 non-polymer 'MANGANESE (II) ION'
3 non-polymer 'CARBONATE ION'
4 non-polymer N-HYDROXY-2-[2-(TRIFLUOROMETHYL)PHENYL]-1,3-OXAZOLE-4-CARBOXAMIDE
5 water water
#
_entity_poly.entity_id   1
_entity_poly.type   'polypeptide(L)'
_entity_poly.pdbx_seq_one_letter_code
;MAISIKTPEDIEKMRVAGRLAAEVLEMIEPYVKPGVSTGELDRICNDYIVNEQHAVSACLGYHGYPKSVCISINEVVCHG
IPDDAKLLKDGDIVNIDVTVIKDGFHGDTSKMFIVGKPTIMGERLCRITQESLYLALRMVKPGINLREIGAAIQKFVEAE
GFSVVREYCGHGIGRGFHEEPQVLHYDSRETNVVLKPGMTFTIEPMVNAGKKEIRTMKDGWTVKTKDRSLSAQYEHTIVV
TDNGCEILTLRKDDTIPAIISHDEA
;
_entity_poly.pdbx_strand_id   A,B
#
loop_
_chem_comp.id
_chem_comp.type
_chem_comp.name
_chem_comp.formula
CO3 non-polymer 'CARBONATE ION' 'C O3 -2'
IKY non-polymer N-HYDROXY-2-[2-(TRIFLUOROMETHYL)PHENYL]-1,3-OXAZOLE-4-CARBOXAMIDE 'C11 H7 F3 N2 O3'
MN non-polymer 'MANGANESE (II) ION' 'Mn 2'
#
# COMPACT_ATOMS: atom_id res chain seq x y z
N ALA A 2 4.04 10.14 -30.33
CA ALA A 2 4.98 10.15 -29.17
C ALA A 2 4.18 10.27 -27.87
N ILE A 3 4.87 9.95 -26.77
CA ILE A 3 4.29 10.24 -25.46
C ILE A 3 4.75 11.56 -24.97
N SER A 4 3.82 12.49 -24.71
CA SER A 4 4.19 13.77 -24.15
C SER A 4 4.63 13.71 -22.69
N ILE A 5 5.64 14.50 -22.37
CA ILE A 5 6.10 14.67 -21.01
C ILE A 5 5.57 16.00 -20.53
N LYS A 6 4.66 15.95 -19.56
CA LYS A 6 4.08 17.13 -19.03
C LYS A 6 5.09 18.00 -18.29
N THR A 7 5.01 19.28 -18.56
CA THR A 7 5.70 20.30 -17.82
C THR A 7 5.13 20.44 -16.39
N PRO A 8 5.90 21.03 -15.47
CA PRO A 8 5.27 21.24 -14.15
C PRO A 8 3.91 21.98 -14.21
N GLU A 9 3.81 22.99 -15.06
CA GLU A 9 2.58 23.74 -15.16
C GLU A 9 1.49 22.75 -15.68
N ASP A 10 1.84 21.87 -16.65
CA ASP A 10 0.84 20.93 -17.27
C ASP A 10 0.36 19.97 -16.17
N ILE A 11 1.30 19.47 -15.38
CA ILE A 11 0.95 18.62 -14.24
C ILE A 11 0.03 19.27 -13.24
N GLU A 12 0.29 20.51 -12.85
CA GLU A 12 -0.61 21.22 -11.99
C GLU A 12 -2.02 21.29 -12.61
N LYS A 13 -2.12 21.55 -13.92
CA LYS A 13 -3.43 21.60 -14.60
C LYS A 13 -4.05 20.19 -14.58
N MET A 14 -3.25 19.12 -14.69
CA MET A 14 -3.78 17.73 -14.54
C MET A 14 -4.23 17.45 -13.09
N ARG A 15 -3.55 18.03 -12.08
CA ARG A 15 -4.01 17.89 -10.71
C ARG A 15 -5.40 18.50 -10.62
N VAL A 16 -5.58 19.72 -11.14
CA VAL A 16 -6.89 20.36 -11.01
C VAL A 16 -8.00 19.55 -11.69
N ALA A 17 -7.73 19.13 -12.92
CA ALA A 17 -8.73 18.37 -13.69
C ALA A 17 -8.99 17.03 -13.03
N GLY A 18 -7.95 16.41 -12.52
CA GLY A 18 -8.12 15.12 -11.83
C GLY A 18 -8.89 15.23 -10.57
N ARG A 19 -8.66 16.30 -9.80
CA ARG A 19 -9.39 16.56 -8.59
C ARG A 19 -10.86 16.80 -8.90
N LEU A 20 -11.12 17.54 -9.99
CA LEU A 20 -12.51 17.77 -10.35
C LEU A 20 -13.23 16.48 -10.69
N ALA A 21 -12.55 15.65 -11.50
CA ALA A 21 -13.18 14.35 -11.87
C ALA A 21 -13.43 13.46 -10.64
N ALA A 22 -12.52 13.41 -9.69
CA ALA A 22 -12.70 12.70 -8.44
C ALA A 22 -13.87 13.29 -7.65
N GLU A 23 -13.95 14.61 -7.66
CA GLU A 23 -14.97 15.29 -6.89
C GLU A 23 -16.36 15.04 -7.40
N VAL A 24 -16.51 14.79 -8.71
CA VAL A 24 -17.80 14.36 -9.24
C VAL A 24 -18.25 13.06 -8.58
N LEU A 25 -17.32 12.12 -8.53
CA LEU A 25 -17.60 10.80 -7.92
C LEU A 25 -17.92 10.92 -6.41
N GLU A 26 -17.23 11.81 -5.71
CA GLU A 26 -17.52 12.03 -4.30
C GLU A 26 -18.88 12.69 -4.16
N MET A 27 -19.16 13.64 -5.04
CA MET A 27 -20.47 14.38 -4.97
C MET A 27 -21.58 13.41 -5.21
N ILE A 28 -21.45 12.48 -6.18
CA ILE A 28 -22.65 11.71 -6.55
C ILE A 28 -23.03 10.63 -5.56
N GLU A 29 -22.10 10.26 -4.69
CA GLU A 29 -22.29 9.09 -3.86
C GLU A 29 -23.63 9.01 -3.09
N PRO A 30 -24.04 10.08 -2.38
CA PRO A 30 -25.31 9.97 -1.61
C PRO A 30 -26.56 9.89 -2.49
N TYR A 31 -26.42 10.16 -3.80
CA TYR A 31 -27.53 9.88 -4.73
C TYR A 31 -27.59 8.49 -5.25
N VAL A 32 -26.54 7.70 -5.03
CA VAL A 32 -26.52 6.37 -5.64
C VAL A 32 -27.23 5.44 -4.64
N LYS A 33 -28.54 5.27 -4.85
CA LYS A 33 -29.41 4.54 -3.92
C LYS A 33 -30.46 3.73 -4.68
N PRO A 34 -31.10 2.70 -4.00
CA PRO A 34 -32.13 1.96 -4.75
C PRO A 34 -33.22 2.89 -5.21
N GLY A 35 -33.69 2.71 -6.47
CA GLY A 35 -34.83 3.50 -6.98
C GLY A 35 -34.46 4.70 -7.81
N VAL A 36 -33.21 5.18 -7.68
CA VAL A 36 -32.77 6.29 -8.56
C VAL A 36 -32.50 5.76 -10.01
N SER A 37 -32.82 6.58 -10.98
CA SER A 37 -32.55 6.26 -12.36
C SER A 37 -31.15 6.67 -12.75
N THR A 38 -30.59 5.91 -13.68
CA THR A 38 -29.23 6.32 -14.14
C THR A 38 -29.31 7.68 -14.93
N GLY A 39 -30.47 7.93 -15.56
CA GLY A 39 -30.60 9.22 -16.23
C GLY A 39 -30.52 10.43 -15.26
N GLU A 40 -31.17 10.28 -14.09
CA GLU A 40 -31.07 11.35 -13.07
C GLU A 40 -29.62 11.51 -12.56
N LEU A 41 -28.94 10.37 -12.34
CA LEU A 41 -27.56 10.49 -11.90
C LEU A 41 -26.70 11.24 -12.93
N ASP A 42 -26.93 10.97 -14.21
CA ASP A 42 -26.25 11.70 -15.24
C ASP A 42 -26.51 13.18 -15.22
N ARG A 43 -27.80 13.53 -15.09
CA ARG A 43 -28.09 14.97 -15.01
C ARG A 43 -27.44 15.61 -13.77
N ILE A 44 -27.46 14.93 -12.65
CA ILE A 44 -26.83 15.54 -11.43
C ILE A 44 -25.32 15.76 -11.68
N CYS A 45 -24.68 14.79 -12.34
CA CYS A 45 -23.23 14.96 -12.64
C CYS A 45 -22.96 16.13 -13.61
N ASN A 46 -23.72 16.16 -14.72
CA ASN A 46 -23.48 17.21 -15.70
C ASN A 46 -23.74 18.62 -15.13
N ASP A 47 -24.79 18.78 -14.31
CA ASP A 47 -25.08 20.11 -13.70
C ASP A 47 -23.95 20.50 -12.78
N TYR A 48 -23.41 19.51 -12.06
CA TYR A 48 -22.29 19.79 -11.18
C TYR A 48 -21.06 20.20 -11.98
N ILE A 49 -20.74 19.41 -13.00
CA ILE A 49 -19.55 19.72 -13.80
C ILE A 49 -19.66 21.11 -14.41
N VAL A 50 -20.80 21.42 -15.01
CA VAL A 50 -20.94 22.67 -15.77
C VAL A 50 -21.11 23.88 -14.84
N ASN A 51 -22.02 23.74 -13.88
CA ASN A 51 -22.48 24.92 -13.07
C ASN A 51 -21.60 25.20 -11.86
N GLU A 52 -21.09 24.13 -11.24
CA GLU A 52 -20.28 24.27 -10.02
C GLU A 52 -18.82 24.21 -10.31
N GLN A 53 -18.40 23.19 -11.06
CA GLN A 53 -16.99 23.10 -11.36
C GLN A 53 -16.49 24.00 -12.49
N HIS A 54 -17.42 24.54 -13.32
CA HIS A 54 -17.07 25.34 -14.47
C HIS A 54 -16.13 24.59 -15.36
N ALA A 55 -16.51 23.34 -15.55
CA ALA A 55 -15.76 22.45 -16.40
C ALA A 55 -16.69 21.89 -17.47
N VAL A 56 -16.17 21.03 -18.37
CA VAL A 56 -16.98 20.35 -19.36
C VAL A 56 -16.77 18.81 -19.29
N SER A 57 -17.80 18.05 -19.56
CA SER A 57 -17.62 16.60 -19.70
C SER A 57 -17.05 16.28 -21.07
N ALA A 58 -15.97 15.49 -21.10
CA ALA A 58 -15.38 14.96 -22.33
C ALA A 58 -16.21 13.88 -22.96
N CYS A 59 -17.20 13.33 -22.25
CA CYS A 59 -18.03 12.19 -22.77
C CYS A 59 -19.09 12.70 -23.77
N LEU A 60 -19.57 13.92 -23.54
CA LEU A 60 -20.69 14.43 -24.30
C LEU A 60 -20.28 14.72 -25.75
N GLY A 61 -20.85 14.02 -26.71
CA GLY A 61 -20.50 14.15 -28.11
C GLY A 61 -19.37 13.30 -28.61
N TYR A 62 -18.70 12.61 -27.66
CA TYR A 62 -17.60 11.69 -27.97
C TYR A 62 -18.03 10.63 -28.89
N HIS A 63 -17.58 10.73 -30.15
CA HIS A 63 -18.05 9.78 -31.15
CA HIS A 63 -18.02 9.80 -31.18
C HIS A 63 -19.58 9.78 -31.25
N GLY A 64 -20.20 10.91 -30.89
CA GLY A 64 -21.69 10.98 -30.87
C GLY A 64 -22.39 10.50 -29.62
N TYR A 65 -21.63 10.17 -28.55
CA TYR A 65 -22.25 9.65 -27.32
C TYR A 65 -23.15 10.77 -26.74
N PRO A 66 -24.35 10.41 -26.31
CA PRO A 66 -25.33 11.49 -26.03
C PRO A 66 -25.42 11.93 -24.59
N LYS A 67 -24.63 11.35 -23.65
CA LYS A 67 -24.76 11.69 -22.23
C LYS A 67 -23.39 12.15 -21.68
N SER A 68 -23.38 12.53 -20.40
CA SER A 68 -22.22 13.19 -19.87
C SER A 68 -21.31 12.28 -19.04
N VAL A 69 -21.82 11.13 -18.63
CA VAL A 69 -21.05 10.10 -17.90
C VAL A 69 -21.48 8.77 -18.45
N CYS A 70 -20.72 7.74 -18.18
CA CYS A 70 -21.22 6.39 -18.48
C CYS A 70 -21.52 5.66 -17.19
N ILE A 71 -22.62 4.92 -17.13
CA ILE A 71 -23.07 4.26 -15.93
C ILE A 71 -23.33 2.81 -16.30
N SER A 72 -22.57 1.89 -15.71
CA SER A 72 -22.60 0.50 -16.12
C SER A 72 -22.97 -0.41 -14.99
N ILE A 73 -24.18 -0.96 -15.06
CA ILE A 73 -24.74 -1.82 -13.98
C ILE A 73 -24.48 -3.28 -14.26
N ASN A 74 -23.99 -4.02 -13.27
CA ASN A 74 -23.94 -5.49 -13.29
C ASN A 74 -23.20 -6.04 -14.46
N GLU A 75 -23.84 -6.86 -15.36
CA GLU A 75 -23.15 -7.44 -16.49
C GLU A 75 -22.84 -6.42 -17.62
N VAL A 76 -23.26 -5.15 -17.47
CA VAL A 76 -22.78 -4.09 -18.38
C VAL A 76 -21.32 -3.76 -18.02
N VAL A 77 -20.46 -4.02 -18.99
CA VAL A 77 -18.99 -3.90 -18.80
C VAL A 77 -18.60 -2.44 -18.84
N CYS A 78 -19.17 -1.67 -19.78
CA CYS A 78 -18.79 -0.28 -20.02
C CYS A 78 -19.77 0.40 -20.93
N HIS A 79 -19.72 1.73 -20.90
CA HIS A 79 -20.44 2.60 -21.80
C HIS A 79 -21.93 2.53 -21.63
N GLY A 80 -22.39 2.08 -20.46
CA GLY A 80 -23.83 2.10 -20.20
C GLY A 80 -24.37 3.51 -20.34
N ILE A 81 -25.46 3.59 -21.07
CA ILE A 81 -26.06 4.89 -21.36
C ILE A 81 -27.10 5.30 -20.28
N PRO A 82 -26.84 6.39 -19.58
CA PRO A 82 -27.84 6.84 -18.59
C PRO A 82 -29.20 6.98 -19.24
N ASP A 83 -30.21 6.49 -18.55
CA ASP A 83 -31.56 6.45 -19.07
C ASP A 83 -32.54 6.62 -17.90
N ASP A 84 -33.55 7.45 -18.12
CA ASP A 84 -34.59 7.63 -17.09
C ASP A 84 -35.35 6.38 -16.66
N ALA A 85 -35.38 5.37 -17.50
CA ALA A 85 -36.09 4.14 -17.18
C ALA A 85 -35.26 3.07 -16.50
N LYS A 86 -33.95 3.29 -16.40
CA LYS A 86 -33.09 2.29 -15.78
C LYS A 86 -32.90 2.67 -14.34
N LEU A 87 -33.49 1.86 -13.45
CA LEU A 87 -33.45 2.14 -12.02
C LEU A 87 -32.44 1.28 -11.31
N LEU A 88 -31.66 1.88 -10.39
CA LEU A 88 -30.80 1.06 -9.52
C LEU A 88 -31.68 0.29 -8.52
N LYS A 89 -31.16 -0.84 -8.13
CA LYS A 89 -31.88 -1.70 -7.17
C LYS A 89 -30.95 -2.35 -6.21
N ASP A 90 -31.50 -2.70 -5.05
CA ASP A 90 -30.76 -3.46 -4.06
C ASP A 90 -29.92 -4.59 -4.69
N GLY A 91 -28.63 -4.60 -4.36
CA GLY A 91 -27.68 -5.64 -4.76
C GLY A 91 -26.88 -5.30 -6.02
N ASP A 92 -27.28 -4.26 -6.74
CA ASP A 92 -26.57 -3.84 -7.99
C ASP A 92 -25.15 -3.45 -7.67
N ILE A 93 -24.24 -3.78 -8.56
CA ILE A 93 -22.96 -3.07 -8.64
C ILE A 93 -22.98 -2.12 -9.81
N VAL A 94 -22.45 -0.91 -9.67
CA VAL A 94 -22.57 0.06 -10.73
C VAL A 94 -21.27 0.88 -10.89
N ASN A 95 -20.73 0.87 -12.08
CA ASN A 95 -19.64 1.77 -12.35
C ASN A 95 -20.16 3.13 -12.81
N ILE A 96 -19.63 4.22 -12.27
CA ILE A 96 -19.84 5.56 -12.85
C ILE A 96 -18.47 6.05 -13.32
N ASP A 97 -18.39 6.41 -14.61
CA ASP A 97 -17.11 6.78 -15.20
C ASP A 97 -17.20 8.24 -15.64
N VAL A 98 -16.28 9.07 -15.14
CA VAL A 98 -16.28 10.54 -15.37
C VAL A 98 -15.05 10.98 -16.10
N THR A 99 -15.23 11.84 -17.11
CA THR A 99 -14.06 12.54 -17.69
C THR A 99 -14.39 14.02 -17.83
N VAL A 100 -13.58 14.84 -17.19
CA VAL A 100 -13.82 16.29 -17.21
C VAL A 100 -12.63 16.96 -17.91
N ILE A 101 -12.93 18.07 -18.59
CA ILE A 101 -11.87 18.86 -19.20
C ILE A 101 -11.95 20.20 -18.46
N LYS A 102 -10.80 20.68 -18.00
CA LYS A 102 -10.69 21.91 -17.23
C LYS A 102 -9.39 22.55 -17.66
N ASP A 103 -9.51 23.80 -18.14
CA ASP A 103 -8.32 24.52 -18.55
C ASP A 103 -7.49 23.73 -19.58
N GLY A 104 -8.15 23.00 -20.49
CA GLY A 104 -7.53 22.27 -21.59
C GLY A 104 -7.03 20.86 -21.24
N PHE A 105 -7.06 20.46 -19.95
CA PHE A 105 -6.55 19.12 -19.53
C PHE A 105 -7.66 18.23 -19.03
N HIS A 106 -7.50 16.94 -19.29
CA HIS A 106 -8.51 15.98 -18.90
C HIS A 106 -8.18 15.24 -17.57
N GLY A 107 -9.24 14.89 -16.82
CA GLY A 107 -9.12 13.96 -15.72
C GLY A 107 -10.14 12.88 -15.90
N ASP A 108 -9.72 11.62 -15.71
CA ASP A 108 -10.53 10.49 -16.13
C ASP A 108 -10.51 9.48 -14.99
N THR A 109 -11.70 9.15 -14.44
CA THR A 109 -11.74 8.25 -13.32
C THR A 109 -13.07 7.60 -13.20
N SER A 110 -13.06 6.43 -12.58
CA SER A 110 -14.34 5.73 -12.37
C SER A 110 -14.20 4.91 -11.08
N LYS A 111 -15.38 4.52 -10.51
CA LYS A 111 -15.41 3.57 -9.43
C LYS A 111 -16.68 2.77 -9.49
N MET A 112 -16.67 1.70 -8.69
CA MET A 112 -17.90 0.92 -8.42
C MET A 112 -18.59 1.48 -7.18
N PHE A 113 -19.93 1.52 -7.30
CA PHE A 113 -20.78 1.66 -6.13
C PHE A 113 -21.59 0.41 -5.93
N ILE A 114 -21.76 -0.04 -4.67
CA ILE A 114 -22.64 -1.21 -4.41
C ILE A 114 -23.92 -0.60 -3.85
N VAL A 115 -25.06 -0.99 -4.42
CA VAL A 115 -26.32 -0.40 -4.08
C VAL A 115 -27.00 -1.34 -3.08
N GLY A 116 -27.44 -0.79 -1.94
CA GLY A 116 -28.04 -1.58 -0.85
C GLY A 116 -27.21 -2.74 -0.39
N LYS A 117 -27.78 -3.93 -0.24
CA LYS A 117 -27.03 -5.00 0.35
C LYS A 117 -26.19 -5.72 -0.73
N PRO A 118 -24.88 -5.78 -0.54
CA PRO A 118 -24.05 -6.58 -1.47
C PRO A 118 -24.34 -8.06 -1.54
N THR A 119 -24.38 -8.47 -2.78
CA THR A 119 -24.08 -9.75 -3.29
C THR A 119 -22.67 -10.27 -2.84
N ILE A 120 -22.51 -11.54 -2.53
CA ILE A 120 -21.16 -11.91 -2.18
C ILE A 120 -20.18 -11.89 -3.40
N MET A 121 -20.66 -12.25 -4.62
CA MET A 121 -19.84 -12.05 -5.81
C MET A 121 -19.66 -10.53 -6.09
N GLY A 122 -20.68 -9.71 -5.89
CA GLY A 122 -20.56 -8.31 -6.19
C GLY A 122 -19.48 -7.69 -5.30
N GLU A 123 -19.56 -7.95 -3.99
CA GLU A 123 -18.53 -7.46 -3.09
C GLU A 123 -17.15 -7.90 -3.51
N ARG A 124 -16.98 -9.15 -3.84
CA ARG A 124 -15.66 -9.64 -4.07
C ARG A 124 -15.10 -9.17 -5.43
N LEU A 125 -15.96 -9.17 -6.45
CA LEU A 125 -15.55 -8.72 -7.76
C LEU A 125 -15.14 -7.23 -7.68
N CYS A 126 -15.86 -6.41 -6.93
CA CYS A 126 -15.49 -4.96 -6.82
C CYS A 126 -14.21 -4.80 -6.08
N ARG A 127 -14.04 -5.54 -4.98
CA ARG A 127 -12.82 -5.43 -4.18
C ARG A 127 -11.58 -5.89 -4.93
N ILE A 128 -11.68 -7.04 -5.60
CA ILE A 128 -10.52 -7.56 -6.31
C ILE A 128 -10.18 -6.67 -7.53
N THR A 129 -11.20 -6.12 -8.15
CA THR A 129 -10.96 -5.20 -9.32
C THR A 129 -10.20 -3.95 -8.83
N GLN A 130 -10.68 -3.38 -7.69
CA GLN A 130 -9.94 -2.20 -7.13
C GLN A 130 -8.55 -2.59 -6.73
N GLU A 131 -8.36 -3.76 -6.11
CA GLU A 131 -7.04 -4.26 -5.74
CA GLU A 131 -7.01 -4.16 -5.73
CA GLU A 131 -7.01 -4.18 -5.73
C GLU A 131 -6.14 -4.44 -6.93
N SER A 132 -6.76 -4.84 -8.09
CA SER A 132 -5.91 -5.06 -9.27
C SER A 132 -5.36 -3.71 -9.79
N LEU A 133 -6.21 -2.67 -9.69
CA LEU A 133 -5.78 -1.30 -9.99
C LEU A 133 -4.70 -0.85 -8.99
N TYR A 134 -4.94 -1.09 -7.70
CA TYR A 134 -3.99 -0.65 -6.72
C TYR A 134 -2.62 -1.35 -6.87
N LEU A 135 -2.61 -2.65 -7.18
CA LEU A 135 -1.32 -3.29 -7.34
C LEU A 135 -0.53 -2.72 -8.55
N ALA A 136 -1.27 -2.35 -9.61
CA ALA A 136 -0.63 -1.71 -10.74
C ALA A 136 -0.09 -0.38 -10.37
N LEU A 137 -0.89 0.41 -9.61
CA LEU A 137 -0.40 1.75 -9.22
C LEU A 137 0.88 1.63 -8.40
N ARG A 138 0.98 0.64 -7.53
CA ARG A 138 2.22 0.50 -6.73
C ARG A 138 3.44 0.11 -7.58
N MET A 139 3.24 -0.35 -8.81
CA MET A 139 4.37 -0.68 -9.70
C MET A 139 4.91 0.49 -10.48
N VAL A 140 4.13 1.56 -10.61
CA VAL A 140 4.53 2.66 -11.52
C VAL A 140 5.72 3.42 -10.95
N LYS A 141 6.83 3.44 -11.71
CA LYS A 141 7.96 4.30 -11.35
C LYS A 141 8.84 4.38 -12.60
N PRO A 142 9.77 5.37 -12.66
CA PRO A 142 10.61 5.50 -13.88
C PRO A 142 11.36 4.24 -14.08
N GLY A 143 11.42 3.84 -15.36
CA GLY A 143 12.23 2.72 -15.78
C GLY A 143 11.55 1.39 -15.84
N ILE A 144 10.40 1.25 -15.21
CA ILE A 144 9.62 0.04 -15.41
C ILE A 144 8.89 0.08 -16.74
N ASN A 145 8.60 -1.10 -17.25
CA ASN A 145 7.93 -1.22 -18.52
C ASN A 145 6.45 -1.44 -18.29
N LEU A 146 5.65 -0.67 -19.04
CA LEU A 146 4.19 -0.85 -19.00
C LEU A 146 3.80 -2.30 -19.16
N ARG A 147 4.60 -3.09 -19.86
CA ARG A 147 4.28 -4.48 -20.07
C ARG A 147 4.22 -5.30 -18.76
N GLU A 148 5.19 -5.10 -17.88
CA GLU A 148 5.19 -5.70 -16.53
C GLU A 148 3.89 -5.41 -15.75
N ILE A 149 3.39 -4.20 -15.92
CA ILE A 149 2.17 -3.81 -15.16
C ILE A 149 0.91 -4.53 -15.69
N GLY A 150 0.81 -4.58 -17.03
CA GLY A 150 -0.31 -5.38 -17.55
C GLY A 150 -0.35 -6.86 -17.19
N ALA A 151 0.87 -7.40 -17.23
CA ALA A 151 1.00 -8.79 -16.87
C ALA A 151 0.61 -9.02 -15.39
N ALA A 152 1.01 -8.11 -14.49
CA ALA A 152 0.70 -8.25 -13.06
C ALA A 152 -0.81 -8.18 -12.82
N ILE A 153 -1.51 -7.28 -13.53
CA ILE A 153 -2.93 -7.17 -13.30
C ILE A 153 -3.66 -8.45 -13.71
N GLN A 154 -3.23 -8.96 -14.87
CA GLN A 154 -3.89 -10.13 -15.43
C GLN A 154 -3.61 -11.35 -14.50
N LYS A 155 -2.35 -11.51 -14.07
CA LYS A 155 -2.04 -12.62 -13.11
C LYS A 155 -2.94 -12.59 -11.84
N PHE A 156 -3.13 -11.38 -11.28
CA PHE A 156 -3.83 -11.23 -10.05
C PHE A 156 -5.32 -11.52 -10.19
N VAL A 157 -5.89 -10.99 -11.27
CA VAL A 157 -7.31 -11.18 -11.52
C VAL A 157 -7.62 -12.66 -11.83
N GLU A 158 -6.75 -13.28 -12.63
CA GLU A 158 -7.02 -14.67 -13.02
C GLU A 158 -6.87 -15.60 -11.84
N ALA A 159 -5.97 -15.27 -10.91
CA ALA A 159 -5.82 -16.08 -9.66
C ALA A 159 -7.06 -16.10 -8.80
N GLU A 160 -7.93 -15.10 -8.95
CA GLU A 160 -9.19 -15.05 -8.26
C GLU A 160 -10.29 -15.70 -9.05
N GLY A 161 -9.92 -16.32 -10.18
CA GLY A 161 -10.92 -16.94 -11.05
C GLY A 161 -11.77 -15.96 -11.88
N PHE A 162 -11.26 -14.74 -12.09
CA PHE A 162 -11.92 -13.76 -12.90
C PHE A 162 -11.11 -13.58 -14.23
N SER A 163 -11.63 -12.73 -15.16
CA SER A 163 -10.94 -12.50 -16.45
C SER A 163 -10.79 -11.00 -16.75
N VAL A 164 -9.81 -10.68 -17.56
CA VAL A 164 -9.60 -9.29 -17.94
C VAL A 164 -10.17 -9.04 -19.29
N VAL A 165 -10.96 -7.99 -19.47
CA VAL A 165 -11.44 -7.64 -20.83
C VAL A 165 -10.30 -7.10 -21.69
N ARG A 166 -10.14 -7.67 -22.88
CA ARG A 166 -9.08 -7.32 -23.79
C ARG A 166 -9.37 -6.16 -24.72
N GLU A 167 -10.64 -5.86 -24.96
CA GLU A 167 -10.97 -4.89 -26.01
C GLU A 167 -10.68 -3.48 -25.67
N TYR A 168 -10.47 -3.23 -24.36
CA TYR A 168 -10.31 -1.86 -23.86
C TYR A 168 -9.10 -1.79 -23.00
N CYS A 169 -8.51 -0.61 -22.91
CA CYS A 169 -7.21 -0.43 -22.25
C CYS A 169 -7.18 0.98 -21.64
N GLY A 170 -6.23 1.20 -20.75
CA GLY A 170 -5.96 2.57 -20.26
C GLY A 170 -5.18 3.30 -21.32
N HIS A 171 -4.82 4.54 -21.04
CA HIS A 171 -4.30 5.37 -22.12
C HIS A 171 -3.58 6.57 -21.55
N GLY A 172 -2.56 7.06 -22.30
CA GLY A 172 -2.13 8.44 -22.09
C GLY A 172 -3.28 9.42 -22.09
N ILE A 173 -3.09 10.55 -21.41
CA ILE A 173 -4.13 11.53 -21.26
C ILE A 173 -3.49 12.89 -21.04
N GLY A 174 -4.14 13.96 -21.48
CA GLY A 174 -3.57 15.32 -21.20
C GLY A 174 -4.49 16.29 -21.88
N ARG A 175 -3.94 17.08 -22.83
CA ARG A 175 -4.78 17.89 -23.68
C ARG A 175 -5.69 16.99 -24.57
N GLY A 176 -5.25 15.75 -24.89
CA GLY A 176 -6.09 14.77 -25.53
C GLY A 176 -6.72 13.81 -24.48
N PHE A 177 -7.99 13.50 -24.69
CA PHE A 177 -8.67 12.50 -23.86
C PHE A 177 -7.86 11.17 -23.95
N HIS A 178 -7.52 10.73 -25.13
CA HIS A 178 -6.72 9.56 -25.39
C HIS A 178 -5.47 9.89 -26.14
N GLU A 179 -4.34 9.67 -25.50
CA GLU A 179 -3.02 9.88 -26.06
C GLU A 179 -2.24 8.58 -25.94
N GLU A 180 -1.06 8.56 -26.55
CA GLU A 180 -0.15 7.44 -26.31
C GLU A 180 0.33 7.52 -24.83
N PRO A 181 0.67 6.38 -24.22
CA PRO A 181 0.62 4.98 -24.73
C PRO A 181 -0.73 4.28 -24.53
N GLN A 182 -0.90 3.12 -25.12
CA GLN A 182 -1.95 2.16 -24.71
C GLN A 182 -1.49 1.44 -23.46
N VAL A 183 -2.36 1.42 -22.46
CA VAL A 183 -2.06 0.71 -21.19
C VAL A 183 -2.89 -0.53 -21.12
N LEU A 184 -2.37 -1.63 -21.65
CA LEU A 184 -3.11 -2.89 -21.64
C LEU A 184 -3.15 -3.49 -20.26
N HIS A 185 -4.21 -4.17 -19.88
CA HIS A 185 -4.32 -4.74 -18.53
C HIS A 185 -4.04 -6.23 -18.57
N TYR A 186 -3.25 -6.63 -19.59
CA TYR A 186 -2.85 -8.06 -19.71
C TYR A 186 -1.49 -8.11 -20.39
N ASP A 187 -0.81 -9.26 -20.35
CA ASP A 187 0.53 -9.28 -20.96
C ASP A 187 0.47 -9.30 -22.47
N SER A 188 1.33 -8.52 -23.11
CA SER A 188 1.42 -8.57 -24.57
C SER A 188 2.85 -8.35 -25.02
N ARG A 189 3.27 -9.13 -26.01
CA ARG A 189 4.51 -8.85 -26.76
C ARG A 189 4.61 -7.50 -27.47
N GLU A 190 3.47 -6.84 -27.72
CA GLU A 190 3.60 -5.53 -28.38
C GLU A 190 3.86 -4.38 -27.42
N THR A 191 3.81 -4.59 -26.09
CA THR A 191 4.01 -3.47 -25.17
C THR A 191 5.48 -3.34 -24.87
N ASN A 192 6.05 -2.20 -25.20
CA ASN A 192 7.40 -1.85 -24.86
C ASN A 192 7.49 -0.39 -24.56
N VAL A 193 7.04 -0.02 -23.36
CA VAL A 193 7.09 1.38 -23.05
C VAL A 193 7.78 1.50 -21.70
N VAL A 194 8.94 2.17 -21.67
CA VAL A 194 9.61 2.46 -20.42
C VAL A 194 9.11 3.78 -19.88
N LEU A 195 8.62 3.76 -18.63
CA LEU A 195 8.05 4.91 -18.02
C LEU A 195 9.09 5.93 -17.64
N LYS A 196 8.76 7.19 -17.80
CA LYS A 196 9.64 8.30 -17.44
C LYS A 196 8.80 9.31 -16.63
N PRO A 197 9.42 10.10 -15.74
CA PRO A 197 8.72 11.14 -15.00
C PRO A 197 8.00 12.08 -15.99
N GLY A 198 6.81 12.51 -15.61
CA GLY A 198 6.03 13.44 -16.37
C GLY A 198 5.09 12.78 -17.40
N MET A 199 5.17 11.48 -17.65
CA MET A 199 4.09 10.79 -18.39
C MET A 199 2.83 10.72 -17.56
N THR A 200 1.71 10.92 -18.23
CA THR A 200 0.42 10.89 -17.59
C THR A 200 -0.45 9.90 -18.37
N PHE A 201 -1.10 9.03 -17.58
CA PHE A 201 -1.96 8.04 -18.21
C PHE A 201 -2.93 7.46 -17.19
N THR A 202 -3.87 6.67 -17.71
CA THR A 202 -4.85 6.01 -16.89
C THR A 202 -4.55 4.50 -16.78
N ILE A 203 -5.04 3.90 -15.69
CA ILE A 203 -5.05 2.46 -15.51
C ILE A 203 -6.51 2.21 -15.17
N GLU A 204 -7.12 1.25 -15.87
CA GLU A 204 -8.58 1.17 -15.77
C GLU A 204 -9.11 -0.21 -16.14
N PRO A 205 -8.70 -1.24 -15.41
CA PRO A 205 -9.06 -2.63 -15.81
C PRO A 205 -10.54 -2.88 -15.70
N MET A 206 -11.09 -3.52 -16.75
CA MET A 206 -12.40 -4.06 -16.70
C MET A 206 -12.36 -5.60 -16.47
N VAL A 207 -12.99 -6.04 -15.39
CA VAL A 207 -12.78 -7.40 -14.87
C VAL A 207 -14.13 -8.07 -14.82
N ASN A 208 -14.25 -9.22 -15.51
CA ASN A 208 -15.48 -9.99 -15.48
C ASN A 208 -15.39 -11.15 -14.48
N ALA A 209 -16.50 -11.39 -13.82
CA ALA A 209 -16.51 -12.57 -12.88
C ALA A 209 -16.41 -13.89 -13.65
N GLY A 210 -17.03 -13.87 -14.83
CA GLY A 210 -17.07 -14.99 -15.78
C GLY A 210 -15.93 -14.91 -16.81
N LYS A 211 -16.22 -15.27 -18.06
CA LYS A 211 -15.28 -15.26 -19.13
C LYS A 211 -15.05 -13.85 -19.75
N LYS A 212 -13.96 -13.73 -20.50
CA LYS A 212 -13.48 -12.40 -20.96
C LYS A 212 -14.29 -11.78 -22.07
N GLU A 213 -15.02 -12.61 -22.82
CA GLU A 213 -15.73 -12.10 -24.01
C GLU A 213 -16.88 -11.16 -23.70
N ILE A 214 -17.01 -10.20 -24.58
CA ILE A 214 -18.02 -9.16 -24.46
C ILE A 214 -18.83 -9.04 -25.73
N ARG A 215 -19.95 -8.33 -25.65
CA ARG A 215 -20.77 -8.04 -26.84
C ARG A 215 -21.43 -6.66 -26.71
N THR A 216 -21.63 -6.00 -27.83
CA THR A 216 -22.27 -4.65 -27.84
C THR A 216 -23.71 -4.77 -28.17
N MET A 217 -24.55 -4.07 -27.44
CA MET A 217 -25.99 -4.12 -27.67
C MET A 217 -26.38 -3.41 -28.96
N LYS A 218 -27.63 -3.60 -29.37
CA LYS A 218 -28.12 -2.95 -30.62
C LYS A 218 -28.17 -1.43 -30.57
N ASP A 219 -28.12 -0.89 -29.37
CA ASP A 219 -28.11 0.55 -29.17
C ASP A 219 -26.78 1.22 -29.62
N GLY A 220 -25.80 0.41 -29.95
CA GLY A 220 -24.56 0.91 -30.50
C GLY A 220 -23.57 1.34 -29.44
N TRP A 221 -23.91 1.23 -28.15
CA TRP A 221 -23.08 1.75 -27.08
C TRP A 221 -22.85 0.76 -25.95
N THR A 222 -23.92 0.14 -25.46
CA THR A 222 -23.84 -0.63 -24.23
C THR A 222 -23.09 -1.89 -24.42
N VAL A 223 -22.07 -2.13 -23.61
CA VAL A 223 -21.27 -3.32 -23.70
C VAL A 223 -21.52 -4.28 -22.58
N LYS A 224 -21.85 -5.55 -22.84
CA LYS A 224 -22.16 -6.53 -21.76
C LYS A 224 -21.24 -7.73 -21.88
N THR A 225 -21.08 -8.46 -20.77
CA THR A 225 -20.33 -9.72 -20.81
C THR A 225 -21.16 -10.71 -21.69
N LYS A 226 -20.43 -11.45 -22.50
CA LYS A 226 -21.12 -12.42 -23.35
C LYS A 226 -21.86 -13.48 -22.52
N ASP A 227 -21.29 -13.85 -21.37
CA ASP A 227 -21.86 -14.88 -20.48
C ASP A 227 -22.82 -14.35 -19.39
N ARG A 228 -23.04 -13.02 -19.43
CA ARG A 228 -23.86 -12.25 -18.51
C ARG A 228 -23.36 -12.32 -17.08
N SER A 229 -22.06 -12.64 -16.89
CA SER A 229 -21.46 -12.51 -15.56
C SER A 229 -21.36 -11.02 -15.20
N LEU A 230 -21.23 -10.74 -13.91
CA LEU A 230 -20.94 -9.41 -13.48
C LEU A 230 -19.58 -8.95 -13.97
N SER A 231 -19.49 -7.61 -14.14
CA SER A 231 -18.24 -6.96 -14.57
C SER A 231 -17.98 -5.73 -13.73
N ALA A 232 -16.73 -5.45 -13.41
CA ALA A 232 -16.42 -4.25 -12.60
C ALA A 232 -15.18 -3.57 -13.15
N GLN A 233 -15.08 -2.27 -12.83
CA GLN A 233 -13.96 -1.44 -13.34
C GLN A 233 -13.72 -0.38 -12.28
N TYR A 234 -12.42 -0.04 -12.12
CA TYR A 234 -12.05 1.25 -11.45
C TYR A 234 -10.98 1.83 -12.30
N GLU A 235 -10.91 3.16 -12.25
CA GLU A 235 -9.95 3.92 -13.06
C GLU A 235 -9.36 5.07 -12.28
N HIS A 236 -8.04 5.25 -12.39
CA HIS A 236 -7.38 6.46 -11.94
C HIS A 236 -6.49 7.03 -13.05
N THR A 237 -6.32 8.37 -13.01
CA THR A 237 -5.35 9.05 -13.83
C THR A 237 -4.14 9.35 -12.93
N ILE A 238 -2.95 9.15 -13.46
CA ILE A 238 -1.68 9.32 -12.73
C ILE A 238 -0.65 10.07 -13.48
N VAL A 239 0.31 10.62 -12.73
CA VAL A 239 1.55 11.13 -13.32
C VAL A 239 2.72 10.32 -12.74
N VAL A 240 3.63 9.95 -13.61
CA VAL A 240 4.84 9.31 -13.18
C VAL A 240 5.76 10.38 -12.58
N THR A 241 6.30 10.07 -11.40
CA THR A 241 7.18 11.04 -10.72
C THR A 241 8.60 10.52 -10.73
N ASP A 242 9.54 11.29 -10.13
CA ASP A 242 10.94 10.87 -10.13
C ASP A 242 11.18 9.56 -9.36
N ASN A 243 10.30 9.19 -8.43
CA ASN A 243 10.49 7.89 -7.76
C ASN A 243 9.22 7.12 -7.56
N GLY A 244 8.24 7.27 -8.43
CA GLY A 244 7.00 6.53 -8.21
C GLY A 244 5.90 7.15 -9.05
N CYS A 245 4.76 7.43 -8.42
CA CYS A 245 3.68 8.13 -9.11
C CYS A 245 2.84 8.93 -8.13
N GLU A 246 2.03 9.85 -8.71
CA GLU A 246 1.04 10.62 -7.99
C GLU A 246 -0.31 10.35 -8.66
N ILE A 247 -1.28 9.96 -7.84
CA ILE A 247 -2.60 9.65 -8.30
C ILE A 247 -3.38 10.94 -8.34
N LEU A 248 -3.74 11.38 -9.53
CA LEU A 248 -4.32 12.70 -9.71
C LEU A 248 -5.83 12.70 -9.36
N THR A 249 -6.45 11.53 -9.46
CA THR A 249 -7.88 11.42 -9.22
C THR A 249 -8.28 10.78 -7.87
N LEU A 250 -7.41 10.86 -6.88
CA LEU A 250 -7.70 10.18 -5.64
C LEU A 250 -8.92 10.77 -4.97
N ARG A 251 -9.69 9.90 -4.33
CA ARG A 251 -10.88 10.32 -3.53
C ARG A 251 -10.65 10.04 -2.05
N LYS A 252 -11.43 10.68 -1.19
CA LYS A 252 -11.41 10.39 0.23
C LYS A 252 -11.64 8.92 0.53
N ASP A 253 -12.39 8.19 -0.32
CA ASP A 253 -12.66 6.76 -0.03
C ASP A 253 -11.60 5.79 -0.58
N ASP A 254 -10.64 6.33 -1.36
CA ASP A 254 -9.54 5.44 -1.75
C ASP A 254 -8.72 5.07 -0.50
N THR A 255 -8.05 3.92 -0.58
CA THR A 255 -7.22 3.40 0.52
C THR A 255 -5.80 3.10 0.09
N ILE A 256 -5.36 3.90 -0.85
CA ILE A 256 -3.98 3.93 -1.33
C ILE A 256 -3.59 5.39 -1.24
N PRO A 257 -2.28 5.66 -0.88
CA PRO A 257 -1.91 7.06 -0.79
C PRO A 257 -1.79 7.76 -2.14
N ALA A 258 -1.96 9.08 -2.17
CA ALA A 258 -1.90 9.85 -3.35
C ALA A 258 -0.50 9.80 -3.94
N ILE A 259 0.52 9.89 -3.10
CA ILE A 259 1.89 9.92 -3.55
C ILE A 259 2.59 8.62 -3.16
N ILE A 260 3.04 7.85 -4.13
CA ILE A 260 3.70 6.59 -3.90
C ILE A 260 5.17 6.79 -4.27
N SER A 261 6.08 6.49 -3.34
CA SER A 261 7.50 6.66 -3.58
C SER A 261 8.21 5.37 -3.29
N HIS A 262 9.19 5.03 -4.12
CA HIS A 262 9.98 3.79 -3.99
C HIS A 262 11.40 4.09 -3.55
N ASP A 263 11.68 5.35 -3.16
CA ASP A 263 13.00 5.77 -2.64
C ASP A 263 13.14 5.41 -1.12
N GLU A 264 14.38 5.15 -0.72
CA GLU A 264 14.84 5.01 0.65
C GLU A 264 16.01 4.19 0.78
N ALA A 265 15.80 2.89 0.39
CA ALA A 265 14.50 2.23 0.75
C ALA A 265 14.54 1.97 2.11
N ALA B 2 27.65 0.02 -0.53
CA ALA B 2 28.56 0.67 0.46
C ALA B 2 27.80 0.85 1.74
N ILE B 3 28.33 0.19 2.77
CA ILE B 3 27.89 0.40 4.12
C ILE B 3 28.52 1.73 4.54
N SER B 4 27.69 2.73 4.83
CA SER B 4 28.23 3.99 5.24
C SER B 4 28.73 3.92 6.69
N ILE B 5 29.80 4.64 6.99
CA ILE B 5 30.19 4.82 8.36
C ILE B 5 29.69 6.20 8.78
N LYS B 6 28.85 6.27 9.79
CA LYS B 6 28.37 7.53 10.31
C LYS B 6 29.36 8.34 11.14
N THR B 7 29.32 9.65 10.89
CA THR B 7 30.10 10.61 11.65
C THR B 7 29.53 10.78 13.04
N PRO B 8 30.32 11.28 13.99
CA PRO B 8 29.73 11.60 15.29
C PRO B 8 28.46 12.45 15.22
N GLU B 9 28.45 13.39 14.28
CA GLU B 9 27.32 14.29 14.10
C GLU B 9 26.08 13.51 13.57
N ASP B 10 26.29 12.61 12.61
CA ASP B 10 25.24 11.73 12.07
C ASP B 10 24.73 10.84 13.19
N ILE B 11 25.64 10.30 14.00
CA ILE B 11 25.16 9.42 15.11
C ILE B 11 24.28 10.19 16.08
N GLU B 12 24.62 11.44 16.40
CA GLU B 12 23.79 12.24 17.32
C GLU B 12 22.38 12.43 16.71
N LYS B 13 22.31 12.69 15.40
CA LYS B 13 20.99 12.85 14.77
C LYS B 13 20.24 11.48 14.79
N MET B 14 20.98 10.37 14.69
CA MET B 14 20.35 9.07 14.85
C MET B 14 19.87 8.79 16.27
N ARG B 15 20.59 9.33 17.27
CA ARG B 15 20.09 9.25 18.64
C ARG B 15 18.75 9.92 18.74
N VAL B 16 18.68 11.11 18.15
CA VAL B 16 17.43 11.85 18.22
C VAL B 16 16.25 11.10 17.56
N ALA B 17 16.46 10.66 16.33
CA ALA B 17 15.38 9.99 15.62
C ALA B 17 15.04 8.66 16.29
N GLY B 18 16.07 7.96 16.79
CA GLY B 18 15.84 6.70 17.47
C GLY B 18 14.99 6.89 18.72
N ARG B 19 15.33 7.96 19.50
CA ARG B 19 14.54 8.23 20.68
C ARG B 19 13.07 8.50 20.31
N LEU B 20 12.85 9.29 19.22
CA LEU B 20 11.48 9.58 18.85
C LEU B 20 10.74 8.31 18.51
N ALA B 21 11.42 7.44 17.73
CA ALA B 21 10.71 6.21 17.34
C ALA B 21 10.36 5.35 18.60
N ALA B 22 11.35 5.23 19.52
CA ALA B 22 11.10 4.55 20.81
C ALA B 22 9.93 5.14 21.63
N GLU B 23 9.85 6.48 21.62
CA GLU B 23 8.84 7.19 22.39
C GLU B 23 7.51 7.04 21.78
N VAL B 24 7.42 6.82 20.45
CA VAL B 24 6.12 6.47 19.92
C VAL B 24 5.59 5.20 20.60
N LEU B 25 6.49 4.22 20.70
CA LEU B 25 6.09 2.95 21.32
C LEU B 25 5.74 3.07 22.81
N GLU B 26 6.45 3.93 23.53
CA GLU B 26 6.10 4.16 24.95
C GLU B 26 4.74 4.89 25.05
N MET B 27 4.51 5.85 24.14
CA MET B 27 3.31 6.67 24.15
C MET B 27 2.10 5.81 23.88
N ILE B 28 2.23 4.89 22.89
CA ILE B 28 1.06 4.15 22.46
C ILE B 28 0.59 3.11 23.43
N GLU B 29 1.52 2.66 24.29
CA GLU B 29 1.24 1.57 25.17
C GLU B 29 -0.11 1.60 25.98
N PRO B 30 -0.43 2.72 26.67
CA PRO B 30 -1.67 2.79 27.45
C PRO B 30 -2.92 2.63 26.55
N TYR B 31 -2.79 2.86 25.20
CA TYR B 31 -3.94 2.73 24.30
C TYR B 31 -4.19 1.31 23.78
N VAL B 32 -3.20 0.42 24.01
CA VAL B 32 -3.23 -0.95 23.51
C VAL B 32 -3.99 -1.79 24.51
N LYS B 33 -5.27 -1.91 24.28
CA LYS B 33 -6.12 -2.63 25.22
C LYS B 33 -7.29 -3.22 24.44
N PRO B 34 -7.97 -4.22 25.03
CA PRO B 34 -9.07 -4.80 24.26
C PRO B 34 -10.10 -3.73 23.84
N GLY B 35 -10.56 -3.85 22.59
CA GLY B 35 -11.61 -3.02 22.07
C GLY B 35 -11.15 -1.93 21.15
N VAL B 36 -9.85 -1.51 21.24
CA VAL B 36 -9.33 -0.40 20.39
C VAL B 36 -9.13 -0.95 18.97
N SER B 37 -9.28 -0.09 17.98
CA SER B 37 -9.00 -0.49 16.58
C SER B 37 -7.54 -0.21 16.28
N THR B 38 -7.02 -1.01 15.36
CA THR B 38 -5.65 -0.72 14.87
C THR B 38 -5.61 0.56 14.07
N GLY B 39 -6.73 0.91 13.41
CA GLY B 39 -6.78 2.21 12.77
C GLY B 39 -6.59 3.40 13.71
N GLU B 40 -7.27 3.33 14.88
CA GLU B 40 -7.13 4.42 15.87
C GLU B 40 -5.70 4.46 16.39
N LEU B 41 -5.09 3.32 16.63
CA LEU B 41 -3.69 3.31 17.10
C LEU B 41 -2.76 3.98 16.12
N ASP B 42 -2.98 3.71 14.83
CA ASP B 42 -2.19 4.34 13.81
C ASP B 42 -2.40 5.81 13.73
N ARG B 43 -3.66 6.30 13.88
CA ARG B 43 -3.90 7.73 13.85
C ARG B 43 -3.26 8.40 15.04
N ILE B 44 -3.35 7.75 16.18
CA ILE B 44 -2.69 8.30 17.38
C ILE B 44 -1.20 8.44 17.18
N CYS B 45 -0.59 7.36 16.64
CA CYS B 45 0.85 7.44 16.34
C CYS B 45 1.22 8.49 15.32
N ASN B 46 0.43 8.61 14.25
CA ASN B 46 0.76 9.63 13.24
C ASN B 46 0.61 11.04 13.77
N ASP B 47 -0.48 11.25 14.51
CA ASP B 47 -0.71 12.59 15.13
C ASP B 47 0.42 12.99 16.07
N TYR B 48 0.90 12.01 16.83
CA TYR B 48 2.00 12.25 17.75
C TYR B 48 3.29 12.52 17.05
N ILE B 49 3.63 11.65 16.03
CA ILE B 49 4.84 11.90 15.25
C ILE B 49 4.89 13.34 14.61
N VAL B 50 3.77 13.72 13.97
CA VAL B 50 3.72 14.97 13.22
C VAL B 50 3.52 16.12 14.16
N ASN B 51 2.51 16.04 15.01
CA ASN B 51 2.16 17.24 15.81
C ASN B 51 3.01 17.47 17.07
N GLU B 52 3.44 16.39 17.71
CA GLU B 52 4.23 16.51 18.91
C GLU B 52 5.73 16.35 18.65
N GLN B 53 6.14 15.37 17.84
CA GLN B 53 7.57 15.16 17.59
C GLN B 53 8.07 16.03 16.47
N HIS B 54 7.13 16.60 15.68
CA HIS B 54 7.62 17.39 14.53
C HIS B 54 8.56 16.60 13.66
N ALA B 55 8.11 15.40 13.36
CA ALA B 55 8.82 14.45 12.50
C ALA B 55 7.83 13.90 11.49
N VAL B 56 8.26 12.88 10.74
CA VAL B 56 7.37 12.24 9.74
C VAL B 56 7.53 10.74 9.81
N SER B 57 6.45 9.99 9.56
CA SER B 57 6.58 8.53 9.41
C SER B 57 7.23 8.20 8.07
N ALA B 58 8.32 7.46 8.07
CA ALA B 58 8.96 6.94 6.83
C ALA B 58 8.14 5.86 6.17
N CYS B 59 7.14 5.27 6.83
CA CYS B 59 6.33 4.21 6.24
C CYS B 59 5.29 4.76 5.27
N LEU B 60 4.79 5.95 5.54
CA LEU B 60 3.60 6.46 4.84
C LEU B 60 3.97 6.74 3.38
N GLY B 61 3.40 5.96 2.48
CA GLY B 61 3.66 6.17 1.02
C GLY B 61 4.84 5.31 0.52
N TYR B 62 5.63 4.74 1.42
CA TYR B 62 6.79 3.90 1.06
C TYR B 62 6.37 2.66 0.36
N HIS B 63 6.78 2.60 -0.91
CA HIS B 63 6.32 1.51 -1.81
C HIS B 63 4.78 1.42 -1.88
N GLY B 64 4.16 2.56 -1.58
CA GLY B 64 2.71 2.69 -1.61
C GLY B 64 2.01 2.27 -0.31
N TYR B 65 2.77 2.01 0.73
CA TYR B 65 2.15 1.61 1.98
C TYR B 65 1.19 2.75 2.49
N PRO B 66 -0.03 2.36 2.94
CA PRO B 66 -1.07 3.38 3.17
C PRO B 66 -1.12 3.99 4.55
N LYS B 67 -0.39 3.46 5.54
CA LYS B 67 -0.52 3.92 6.90
C LYS B 67 0.83 4.35 7.48
N SER B 68 0.84 4.80 8.74
CA SER B 68 2.05 5.39 9.31
C SER B 68 2.90 4.43 10.09
N VAL B 69 2.28 3.41 10.60
CA VAL B 69 2.97 2.33 11.35
C VAL B 69 2.41 0.99 10.82
N CYS B 70 3.15 -0.12 11.08
CA CYS B 70 2.57 -1.43 10.79
C CYS B 70 2.17 -2.09 12.08
N ILE B 71 1.04 -2.80 12.06
CA ILE B 71 0.46 -3.37 13.27
C ILE B 71 0.07 -4.75 12.96
N SER B 72 0.76 -5.70 13.57
CA SER B 72 0.72 -7.09 13.13
C SER B 72 0.24 -8.00 14.26
N ILE B 73 -1.03 -8.42 14.15
CA ILE B 73 -1.67 -9.16 15.28
C ILE B 73 -1.55 -10.61 15.06
N ASN B 74 -1.11 -11.33 16.10
CA ASN B 74 -1.12 -12.80 16.16
C ASN B 74 -0.40 -13.45 15.00
N GLU B 75 -1.10 -14.09 14.09
CA GLU B 75 -0.44 -14.87 13.00
C GLU B 75 0.03 -13.92 11.86
N VAL B 76 -0.40 -12.63 11.89
CA VAL B 76 0.23 -11.63 10.98
C VAL B 76 1.70 -11.42 11.36
N VAL B 77 2.63 -11.85 10.45
CA VAL B 77 4.08 -11.80 10.65
C VAL B 77 4.56 -10.36 10.55
N CYS B 78 4.06 -9.60 9.60
CA CYS B 78 4.57 -8.22 9.36
C CYS B 78 3.66 -7.52 8.39
N HIS B 79 3.79 -6.22 8.36
CA HIS B 79 3.09 -5.33 7.44
C HIS B 79 1.56 -5.33 7.61
N GLY B 80 1.10 -5.67 8.82
CA GLY B 80 -0.35 -5.57 9.10
C GLY B 80 -0.83 -4.11 8.92
N ILE B 81 -1.94 -3.91 8.20
CA ILE B 81 -2.39 -2.60 7.88
C ILE B 81 -3.39 -2.15 8.95
N PRO B 82 -3.15 -0.99 9.55
CA PRO B 82 -4.07 -0.43 10.54
C PRO B 82 -5.43 -0.25 9.84
N ASP B 83 -6.49 -0.67 10.54
CA ASP B 83 -7.84 -0.65 9.99
C ASP B 83 -8.83 -0.27 11.10
N ASP B 84 -9.69 0.75 10.85
CA ASP B 84 -10.63 1.23 11.84
C ASP B 84 -11.60 0.14 12.25
N ALA B 85 -11.74 -0.90 11.44
CA ALA B 85 -12.61 -2.04 11.76
C ALA B 85 -11.97 -3.18 12.54
N LYS B 86 -10.64 -3.23 12.59
CA LYS B 86 -9.96 -4.35 13.25
C LYS B 86 -9.73 -4.03 14.74
N LEU B 87 -10.44 -4.75 15.61
CA LEU B 87 -10.31 -4.48 17.04
C LEU B 87 -9.40 -5.47 17.75
N LEU B 88 -8.61 -4.98 18.69
CA LEU B 88 -7.85 -5.90 19.51
C LEU B 88 -8.72 -6.59 20.57
N LYS B 89 -8.34 -7.79 20.96
CA LYS B 89 -9.08 -8.46 21.99
C LYS B 89 -8.13 -9.14 22.98
N ASP B 90 -8.72 -9.63 24.07
CA ASP B 90 -7.97 -10.36 25.07
C ASP B 90 -7.22 -11.49 24.45
N GLY B 91 -5.94 -11.52 24.82
CA GLY B 91 -5.06 -12.67 24.54
C GLY B 91 -4.23 -12.35 23.27
N ASP B 92 -4.58 -11.31 22.51
CA ASP B 92 -3.81 -10.98 21.24
C ASP B 92 -2.36 -10.59 21.58
N ILE B 93 -1.44 -10.98 20.71
CA ILE B 93 -0.08 -10.42 20.73
C ILE B 93 -0.07 -9.51 19.49
N VAL B 94 0.54 -8.38 19.61
CA VAL B 94 0.51 -7.44 18.47
C VAL B 94 1.83 -6.68 18.40
N ASN B 95 2.42 -6.74 17.22
CA ASN B 95 3.58 -5.91 16.94
C ASN B 95 3.15 -4.54 16.48
N ILE B 96 3.76 -3.48 17.05
CA ILE B 96 3.70 -2.14 16.43
C ILE B 96 5.11 -1.80 15.99
N ASP B 97 5.21 -1.48 14.72
CA ASP B 97 6.49 -1.23 14.12
C ASP B 97 6.56 0.24 13.62
N VAL B 98 7.54 0.98 14.06
CA VAL B 98 7.60 2.41 13.88
C VAL B 98 8.88 2.82 13.17
N THR B 99 8.80 3.68 12.16
CA THR B 99 9.99 4.35 11.65
C THR B 99 9.70 5.83 11.45
N VAL B 100 10.56 6.63 12.06
CA VAL B 100 10.42 8.10 12.00
C VAL B 100 11.64 8.70 11.30
N ILE B 101 11.45 9.78 10.49
CA ILE B 101 12.56 10.52 9.95
C ILE B 101 12.54 11.91 10.68
N LYS B 102 13.69 12.32 11.17
CA LYS B 102 13.86 13.61 11.86
C LYS B 102 15.24 14.11 11.57
N ASP B 103 15.30 15.34 11.04
CA ASP B 103 16.59 15.97 10.69
C ASP B 103 17.39 15.13 9.70
N GLY B 104 16.65 14.51 8.79
CA GLY B 104 17.23 13.69 7.71
C GLY B 104 17.57 12.25 8.08
N PHE B 105 17.43 11.89 9.36
CA PHE B 105 17.86 10.51 9.78
C PHE B 105 16.68 9.72 10.28
N HIS B 106 16.79 8.40 10.13
CA HIS B 106 15.70 7.50 10.52
C HIS B 106 15.97 6.75 11.82
N GLY B 107 14.89 6.52 12.59
CA GLY B 107 14.92 5.65 13.75
C GLY B 107 13.86 4.58 13.52
N ASP B 108 14.18 3.32 13.83
CA ASP B 108 13.37 2.21 13.43
C ASP B 108 13.30 1.19 14.59
N THR B 109 12.08 0.91 15.05
CA THR B 109 11.94 -0.02 16.15
C THR B 109 10.59 -0.61 16.20
N SER B 110 10.51 -1.69 16.87
CA SER B 110 9.20 -2.36 17.07
C SER B 110 9.22 -3.15 18.34
N LYS B 111 8.01 -3.43 18.86
CA LYS B 111 7.92 -4.35 19.97
C LYS B 111 6.56 -5.09 19.91
N MET B 112 6.48 -6.17 20.69
CA MET B 112 5.19 -6.83 20.96
C MET B 112 4.51 -6.24 22.18
N PHE B 113 3.19 -6.18 22.07
CA PHE B 113 2.30 -5.89 23.21
C PHE B 113 1.38 -7.10 23.34
N ILE B 114 1.18 -7.54 24.60
CA ILE B 114 0.13 -8.53 24.91
C ILE B 114 -1.14 -7.79 25.38
N VAL B 115 -2.25 -8.06 24.72
CA VAL B 115 -3.45 -7.26 24.95
C VAL B 115 -4.28 -7.99 26.04
N GLY B 116 -4.66 -7.28 27.10
CA GLY B 116 -5.49 -7.89 28.17
C GLY B 116 -4.90 -9.19 28.74
N LYS B 117 -5.75 -10.21 28.94
CA LYS B 117 -5.31 -11.40 29.64
C LYS B 117 -4.40 -12.23 28.73
N PRO B 118 -3.17 -12.43 29.16
CA PRO B 118 -2.17 -13.19 28.36
C PRO B 118 -2.51 -14.64 28.17
N THR B 119 -1.97 -15.25 27.11
CA THR B 119 -1.93 -16.69 26.92
C THR B 119 -0.49 -17.12 27.22
N ILE B 120 -0.31 -18.32 27.73
CA ILE B 120 1.04 -18.75 28.08
C ILE B 120 1.89 -18.84 26.79
N MET B 121 1.30 -19.30 25.71
CA MET B 121 2.11 -19.51 24.52
C MET B 121 2.38 -18.11 23.89
N GLY B 122 1.45 -17.16 23.99
CA GLY B 122 1.76 -15.83 23.44
C GLY B 122 2.90 -15.16 24.20
N GLU B 123 2.81 -15.19 25.52
CA GLU B 123 3.88 -14.72 26.40
C GLU B 123 5.24 -15.36 26.14
N ARG B 124 5.25 -16.67 25.97
CA ARG B 124 6.52 -17.36 25.73
C ARG B 124 7.11 -16.99 24.36
N LEU B 125 6.26 -16.96 23.32
CA LEU B 125 6.78 -16.55 21.99
C LEU B 125 7.41 -15.13 22.05
N CYS B 126 6.73 -14.22 22.72
CA CYS B 126 7.16 -12.84 22.73
C CYS B 126 8.47 -12.78 23.49
N ARG B 127 8.53 -13.47 24.62
CA ARG B 127 9.73 -13.46 25.47
C ARG B 127 10.99 -14.01 24.73
N ILE B 128 10.78 -15.15 24.08
CA ILE B 128 11.88 -15.76 23.36
C ILE B 128 12.31 -14.85 22.18
N THR B 129 11.35 -14.25 21.49
CA THR B 129 11.68 -13.37 20.41
C THR B 129 12.56 -12.19 20.93
N GLN B 130 12.12 -11.56 22.05
CA GLN B 130 12.93 -10.48 22.59
C GLN B 130 14.29 -10.92 23.06
N GLU B 131 14.32 -12.10 23.70
CA GLU B 131 15.60 -12.62 24.12
C GLU B 131 16.53 -12.95 22.94
N SER B 132 15.95 -13.28 21.78
CA SER B 132 16.81 -13.51 20.63
C SER B 132 17.43 -12.20 20.07
N LEU B 133 16.64 -11.13 20.20
CA LEU B 133 17.13 -9.80 19.81
C LEU B 133 18.25 -9.38 20.82
N TYR B 134 17.98 -9.63 22.10
CA TYR B 134 18.96 -9.25 23.09
C TYR B 134 20.28 -10.00 23.00
N LEU B 135 20.22 -11.32 22.76
CA LEU B 135 21.47 -12.03 22.65
C LEU B 135 22.26 -11.59 21.43
N ALA B 136 21.54 -11.17 20.38
CA ALA B 136 22.24 -10.64 19.19
C ALA B 136 22.90 -9.34 19.53
N LEU B 137 22.18 -8.46 20.25
CA LEU B 137 22.72 -7.13 20.59
C LEU B 137 23.96 -7.32 21.45
N ARG B 138 23.99 -8.35 22.30
CA ARG B 138 25.19 -8.58 23.18
C ARG B 138 26.39 -9.09 22.39
N MET B 139 26.14 -9.53 21.14
CA MET B 139 27.27 -10.01 20.25
C MET B 139 27.93 -8.91 19.49
N VAL B 140 27.24 -7.79 19.30
CA VAL B 140 27.68 -6.81 18.30
C VAL B 140 28.94 -6.09 18.79
N LYS B 141 30.00 -6.19 17.99
CA LYS B 141 31.23 -5.44 18.27
C LYS B 141 32.03 -5.46 16.96
N PRO B 142 33.01 -4.61 16.84
CA PRO B 142 33.89 -4.63 15.66
C PRO B 142 34.56 -6.03 15.43
N GLY B 143 34.65 -6.46 14.17
CA GLY B 143 35.34 -7.73 13.77
C GLY B 143 34.47 -8.98 13.73
N ILE B 144 33.32 -8.97 14.40
CA ILE B 144 32.39 -10.09 14.32
C ILE B 144 31.72 -10.09 12.96
N ASN B 145 31.40 -11.26 12.42
CA ASN B 145 30.66 -11.33 11.19
C ASN B 145 29.13 -11.43 11.47
N LEU B 146 28.26 -10.77 10.69
CA LEU B 146 26.82 -10.92 10.82
C LEU B 146 26.42 -12.34 10.63
N ARG B 147 27.21 -13.15 9.92
CA ARG B 147 26.74 -14.53 9.75
C ARG B 147 26.67 -15.11 11.20
N GLU B 148 27.64 -14.78 12.04
CA GLU B 148 27.68 -15.42 13.38
C GLU B 148 26.43 -15.03 14.18
N ILE B 149 26.03 -13.77 14.02
CA ILE B 149 24.82 -13.24 14.72
C ILE B 149 23.57 -13.93 14.24
N GLY B 150 23.40 -13.97 12.94
CA GLY B 150 22.33 -14.75 12.35
C GLY B 150 22.33 -16.18 12.82
N ALA B 151 23.48 -16.88 12.74
CA ALA B 151 23.45 -18.27 13.16
C ALA B 151 23.06 -18.42 14.64
N ALA B 152 23.50 -17.50 15.48
CA ALA B 152 23.14 -17.55 16.91
C ALA B 152 21.68 -17.30 17.20
N ILE B 153 21.06 -16.35 16.49
CA ILE B 153 19.64 -16.13 16.67
C ILE B 153 18.86 -17.38 16.32
N GLN B 154 19.17 -17.96 15.13
CA GLN B 154 18.45 -19.17 14.65
C GLN B 154 18.61 -20.36 15.60
N LYS B 155 19.83 -20.62 16.01
CA LYS B 155 20.08 -21.71 16.98
C LYS B 155 19.24 -21.54 18.26
N PHE B 156 19.19 -20.31 18.84
CA PHE B 156 18.42 -20.08 20.03
C PHE B 156 16.95 -20.26 19.76
N VAL B 157 16.41 -19.66 18.68
CA VAL B 157 14.96 -19.74 18.41
C VAL B 157 14.56 -21.20 18.18
N GLU B 158 15.38 -21.90 17.39
CA GLU B 158 14.97 -23.26 16.95
C GLU B 158 15.04 -24.22 18.16
N ALA B 159 15.91 -23.90 19.12
CA ALA B 159 15.98 -24.79 20.31
C ALA B 159 14.70 -24.67 21.16
N GLU B 160 13.97 -23.59 21.00
CA GLU B 160 12.74 -23.44 21.70
C GLU B 160 11.55 -24.03 20.95
N GLY B 161 11.82 -24.65 19.79
CA GLY B 161 10.78 -25.21 18.92
C GLY B 161 10.07 -24.19 18.06
N PHE B 162 10.68 -22.97 17.91
CA PHE B 162 10.09 -21.92 17.06
C PHE B 162 10.87 -21.87 15.75
N SER B 163 10.50 -20.99 14.82
CA SER B 163 11.21 -20.87 13.57
C SER B 163 11.54 -19.40 13.29
N VAL B 164 12.55 -19.18 12.45
CA VAL B 164 12.89 -17.83 11.97
C VAL B 164 12.40 -17.61 10.57
N VAL B 165 11.70 -16.52 10.35
CA VAL B 165 11.20 -16.17 9.04
C VAL B 165 12.37 -15.71 8.17
N ARG B 166 12.46 -16.28 6.98
CA ARG B 166 13.60 -16.05 6.11
C ARG B 166 13.49 -14.90 5.11
N GLU B 167 12.26 -14.45 4.81
CA GLU B 167 12.00 -13.52 3.66
C GLU B 167 12.43 -12.10 4.03
N TYR B 168 12.62 -11.85 5.33
CA TYR B 168 12.84 -10.46 5.81
C TYR B 168 14.09 -10.38 6.65
N CYS B 169 14.67 -9.21 6.75
CA CYS B 169 15.94 -9.05 7.42
C CYS B 169 16.07 -7.67 8.02
N GLY B 170 16.98 -7.53 8.97
CA GLY B 170 17.32 -6.19 9.43
C GLY B 170 18.14 -5.50 8.35
N HIS B 171 18.57 -4.28 8.63
CA HIS B 171 19.15 -3.46 7.57
C HIS B 171 19.96 -2.28 8.11
N GLY B 172 20.99 -1.91 7.37
CA GLY B 172 21.54 -0.59 7.56
C GLY B 172 20.46 0.48 7.47
N ILE B 173 20.72 1.57 8.14
CA ILE B 173 19.76 2.68 8.30
C ILE B 173 20.50 3.97 8.51
N GLY B 174 19.95 5.07 7.95
CA GLY B 174 20.66 6.35 8.19
C GLY B 174 19.81 7.42 7.50
N ARG B 175 20.41 8.10 6.50
CA ARG B 175 19.62 8.98 5.70
C ARG B 175 18.60 8.19 4.83
N GLY B 176 18.88 6.90 4.57
CA GLY B 176 17.94 5.99 3.97
C GLY B 176 17.27 5.12 5.03
N PHE B 177 16.01 4.84 4.80
CA PHE B 177 15.25 3.90 5.64
C PHE B 177 15.98 2.53 5.66
N HIS B 178 16.28 1.95 4.49
CA HIS B 178 16.99 0.69 4.32
C HIS B 178 18.24 0.98 3.53
N GLU B 179 19.34 0.58 4.13
CA GLU B 179 20.68 0.72 3.52
C GLU B 179 21.42 -0.59 3.73
N GLU B 180 22.53 -0.78 3.04
CA GLU B 180 23.39 -1.92 3.36
C GLU B 180 23.86 -1.82 4.79
N PRO B 181 24.11 -2.99 5.42
CA PRO B 181 23.96 -4.35 4.92
C PRO B 181 22.59 -4.96 5.19
N GLN B 182 22.30 -6.08 4.57
CA GLN B 182 21.22 -6.97 5.01
C GLN B 182 21.63 -7.66 6.28
N VAL B 183 20.73 -7.72 7.26
CA VAL B 183 21.02 -8.39 8.53
C VAL B 183 20.09 -9.61 8.69
N LEU B 184 20.55 -10.77 8.19
CA LEU B 184 19.73 -11.98 8.27
C LEU B 184 19.73 -12.49 9.68
N HIS B 185 18.60 -13.05 10.10
CA HIS B 185 18.50 -13.58 11.46
C HIS B 185 18.59 -15.13 11.50
N TYR B 186 19.26 -15.66 10.48
CA TYR B 186 19.52 -17.10 10.40
C TYR B 186 20.82 -17.27 9.65
N ASP B 187 21.23 -18.53 9.56
CA ASP B 187 22.53 -18.85 8.92
C ASP B 187 22.35 -19.00 7.43
N SER B 188 23.22 -18.31 6.69
CA SER B 188 23.24 -18.43 5.20
C SER B 188 24.65 -18.38 4.67
N ARG B 189 24.96 -19.30 3.73
CA ARG B 189 26.20 -19.20 2.89
C ARG B 189 26.47 -17.84 2.34
N GLU B 190 25.41 -17.06 2.09
CA GLU B 190 25.62 -15.82 1.36
C GLU B 190 26.27 -14.77 2.26
N THR B 191 26.06 -14.91 3.56
CA THR B 191 26.40 -13.79 4.42
C THR B 191 27.89 -13.63 4.81
N ASN B 192 28.46 -12.43 4.59
CA ASN B 192 29.84 -12.22 4.95
C ASN B 192 30.11 -10.76 5.11
N VAL B 193 29.74 -10.29 6.28
CA VAL B 193 29.89 -8.88 6.55
C VAL B 193 30.53 -8.71 7.88
N VAL B 194 31.70 -8.03 7.91
CA VAL B 194 32.48 -7.81 9.14
C VAL B 194 32.20 -6.44 9.72
N LEU B 195 31.81 -6.36 11.00
CA LEU B 195 31.33 -5.07 11.50
C LEU B 195 32.43 -4.18 11.90
N LYS B 196 32.18 -2.89 11.73
CA LYS B 196 33.15 -1.86 12.06
C LYS B 196 32.49 -0.70 12.80
N PRO B 197 33.21 0.03 13.65
CA PRO B 197 32.66 1.24 14.36
C PRO B 197 31.97 2.22 13.42
N GLY B 198 30.80 2.74 13.84
CA GLY B 198 30.11 3.78 13.12
C GLY B 198 29.07 3.19 12.15
N MET B 199 29.08 1.86 11.91
CA MET B 199 27.99 1.22 11.14
C MET B 199 26.68 1.32 11.98
N THR B 200 25.57 1.60 11.32
CA THR B 200 24.27 1.73 12.00
C THR B 200 23.28 0.84 11.31
N PHE B 201 22.62 -0.01 12.06
CA PHE B 201 21.74 -1.01 11.43
C PHE B 201 20.71 -1.43 12.46
N THR B 202 19.68 -2.15 11.97
CA THR B 202 18.68 -2.78 12.79
C THR B 202 18.93 -4.26 12.93
N ILE B 203 18.37 -4.77 14.04
CA ILE B 203 18.22 -6.20 14.27
C ILE B 203 16.75 -6.38 14.58
N GLU B 204 16.10 -7.30 13.89
CA GLU B 204 14.62 -7.33 13.95
C GLU B 204 14.06 -8.74 13.59
N PRO B 205 14.43 -9.72 14.38
CA PRO B 205 13.97 -11.07 14.04
C PRO B 205 12.48 -11.26 14.09
N MET B 206 11.95 -12.01 13.08
CA MET B 206 10.55 -12.42 13.06
C MET B 206 10.56 -13.91 13.34
N VAL B 207 9.79 -14.30 14.35
CA VAL B 207 9.83 -15.66 14.94
C VAL B 207 8.44 -16.22 14.95
N ASN B 208 8.23 -17.38 14.29
CA ASN B 208 6.93 -18.05 14.29
C ASN B 208 6.91 -19.15 15.35
N ALA B 209 5.78 -19.29 16.03
CA ALA B 209 5.61 -20.46 16.95
C ALA B 209 5.60 -21.81 16.16
N GLY B 210 5.03 -21.79 14.96
CA GLY B 210 4.94 -22.98 14.10
C GLY B 210 6.07 -22.98 13.09
N LYS B 211 5.69 -23.32 11.87
CA LYS B 211 6.64 -23.40 10.81
C LYS B 211 7.02 -22.03 10.18
N LYS B 212 8.18 -21.98 9.54
CA LYS B 212 8.71 -20.71 9.00
C LYS B 212 7.97 -20.09 7.82
N GLU B 213 7.22 -20.87 7.07
CA GLU B 213 6.69 -20.35 5.80
C GLU B 213 5.64 -19.29 6.03
N ILE B 214 5.59 -18.36 5.07
CA ILE B 214 4.66 -17.25 5.18
C ILE B 214 3.97 -17.07 3.86
N ARG B 215 2.88 -16.31 3.88
CA ARG B 215 2.07 -16.04 2.72
C ARG B 215 1.64 -14.59 2.76
N THR B 216 1.48 -13.97 1.60
CA THR B 216 0.99 -12.61 1.60
C THR B 216 -0.48 -12.71 1.16
N MET B 217 -1.31 -11.88 1.79
CA MET B 217 -2.73 -11.87 1.52
C MET B 217 -3.06 -11.08 0.28
N LYS B 218 -4.36 -10.93 0.01
CA LYS B 218 -4.77 -10.39 -1.27
C LYS B 218 -4.87 -8.90 -1.26
N ASP B 219 -4.65 -8.26 -0.10
CA ASP B 219 -4.54 -6.81 0.01
C ASP B 219 -3.13 -6.38 -0.41
N GLY B 220 -2.22 -7.34 -0.67
CA GLY B 220 -0.89 -7.09 -1.20
C GLY B 220 0.12 -6.55 -0.18
N TRP B 221 -0.28 -6.60 1.09
CA TRP B 221 0.58 -6.15 2.16
C TRP B 221 0.64 -7.13 3.27
N THR B 222 -0.52 -7.58 3.79
CA THR B 222 -0.54 -8.35 5.04
C THR B 222 0.13 -9.71 4.89
N VAL B 223 1.13 -10.00 5.70
CA VAL B 223 1.88 -11.27 5.68
C VAL B 223 1.48 -12.08 6.86
N LYS B 224 1.09 -13.33 6.59
CA LYS B 224 0.72 -14.25 7.68
C LYS B 224 1.56 -15.51 7.62
N THR B 225 1.63 -16.18 8.78
CA THR B 225 2.16 -17.55 8.78
C THR B 225 1.27 -18.52 7.98
N LYS B 226 1.90 -19.35 7.21
CA LYS B 226 1.16 -20.31 6.38
C LYS B 226 0.32 -21.25 7.23
N ASP B 227 0.89 -21.70 8.37
CA ASP B 227 0.18 -22.53 9.32
C ASP B 227 -0.72 -21.82 10.33
N ARG B 228 -0.83 -20.50 10.18
CA ARG B 228 -1.60 -19.69 11.11
C ARG B 228 -1.13 -19.80 12.52
N SER B 229 0.11 -20.24 12.72
CA SER B 229 0.71 -20.08 14.04
C SER B 229 0.99 -18.59 14.42
N LEU B 230 1.22 -18.36 15.70
CA LEU B 230 1.52 -16.99 16.13
C LEU B 230 2.91 -16.58 15.64
N SER B 231 3.10 -15.32 15.35
CA SER B 231 4.43 -14.79 15.02
C SER B 231 4.74 -13.56 15.89
N ALA B 232 6.02 -13.31 16.17
CA ALA B 232 6.41 -12.18 17.01
C ALA B 232 7.70 -11.56 16.48
N GLN B 233 7.89 -10.30 16.79
CA GLN B 233 9.03 -9.56 16.29
C GLN B 233 9.38 -8.48 17.31
N TYR B 234 10.66 -8.23 17.52
CA TYR B 234 11.12 -7.01 18.18
C TYR B 234 12.29 -6.46 17.36
N GLU B 235 12.48 -5.14 17.39
CA GLU B 235 13.52 -4.46 16.62
C GLU B 235 14.14 -3.34 17.44
N HIS B 236 15.44 -3.20 17.31
CA HIS B 236 16.14 -1.99 17.73
C HIS B 236 17.08 -1.54 16.61
N THR B 237 17.34 -0.21 16.60
CA THR B 237 18.40 0.36 15.79
C THR B 237 19.65 0.57 16.65
N ILE B 238 20.81 0.21 16.13
CA ILE B 238 22.04 0.37 16.91
C ILE B 238 23.14 1.05 16.12
N VAL B 239 24.12 1.54 16.85
CA VAL B 239 25.39 1.92 16.25
C VAL B 239 26.50 1.03 16.82
N VAL B 240 27.41 0.59 15.96
CA VAL B 240 28.58 -0.19 16.39
C VAL B 240 29.59 0.84 16.97
N THR B 241 30.14 0.54 18.15
CA THR B 241 31.03 1.51 18.77
C THR B 241 32.41 0.87 18.80
N ASP B 242 33.38 1.59 19.33
CA ASP B 242 34.72 0.99 19.40
C ASP B 242 34.86 -0.32 20.19
N ASN B 243 33.97 -0.59 21.14
CA ASN B 243 34.10 -1.83 21.93
C ASN B 243 32.77 -2.56 22.13
N GLY B 244 31.81 -2.30 21.25
CA GLY B 244 30.55 -3.02 21.31
C GLY B 244 29.52 -2.28 20.49
N CYS B 245 28.40 -1.93 21.14
CA CYS B 245 27.34 -1.15 20.45
C CYS B 245 26.62 -0.22 21.42
N GLU B 246 25.81 0.69 20.84
CA GLU B 246 24.88 1.52 21.55
C GLU B 246 23.51 1.35 20.89
N ILE B 247 22.47 1.16 21.71
CA ILE B 247 21.13 0.94 21.19
C ILE B 247 20.51 2.32 21.12
N LEU B 248 19.98 2.70 19.95
CA LEU B 248 19.44 4.05 19.75
C LEU B 248 17.99 4.21 20.03
N THR B 249 17.30 3.07 20.17
CA THR B 249 15.86 3.01 20.34
C THR B 249 15.39 2.37 21.66
N LEU B 250 16.22 2.52 22.68
CA LEU B 250 15.84 1.90 23.94
C LEU B 250 14.61 2.54 24.63
N ARG B 251 13.76 1.74 25.24
CA ARG B 251 12.58 2.23 25.95
C ARG B 251 12.79 1.99 27.46
N LYS B 252 11.99 2.65 28.29
CA LYS B 252 12.04 2.33 29.72
C LYS B 252 11.76 0.88 30.09
N ASP B 253 10.95 0.20 29.24
CA ASP B 253 10.61 -1.17 29.55
C ASP B 253 11.69 -2.18 29.03
N ASP B 254 12.65 -1.70 28.25
CA ASP B 254 13.77 -2.64 27.88
C ASP B 254 14.50 -3.01 29.16
N THR B 255 15.15 -4.16 29.16
CA THR B 255 15.88 -4.64 30.33
C THR B 255 17.31 -5.04 29.94
N ILE B 256 17.85 -4.36 28.95
CA ILE B 256 19.25 -4.42 28.56
C ILE B 256 19.75 -2.94 28.53
N PRO B 257 20.99 -2.68 28.96
CA PRO B 257 21.49 -1.30 28.99
C PRO B 257 21.62 -0.74 27.57
N ALA B 258 21.54 0.58 27.39
CA ALA B 258 21.75 1.14 26.09
C ALA B 258 23.17 0.96 25.58
N ILE B 259 24.14 1.05 26.46
CA ILE B 259 25.52 0.96 26.05
C ILE B 259 26.10 -0.38 26.44
N ILE B 260 26.53 -1.14 25.45
CA ILE B 260 27.00 -2.50 25.68
C ILE B 260 28.48 -2.54 25.36
N SER B 261 29.31 -2.67 26.40
CA SER B 261 30.78 -2.50 26.20
C SER B 261 31.47 -3.80 26.41
N HIS B 262 32.42 -4.18 25.57
CA HIS B 262 33.15 -5.44 25.70
C HIS B 262 34.61 -5.14 26.11
N ASP B 263 35.35 -6.20 26.22
CA ASP B 263 36.69 -6.10 26.79
C ASP B 263 37.62 -7.22 26.36
MN MN C . -10.15 6.19 -19.64
C CO3 D . -13.07 2.53 -23.54
O1 CO3 D . -11.76 2.24 -23.49
O2 CO3 D . -13.69 2.64 -24.73
O3 CO3 D . -13.76 2.72 -22.41
FAC IKY E . -16.01 8.61 -23.63
CAS IKY E . -17.09 7.97 -23.26
FAD IKY E . -18.03 8.85 -23.35
FAE IKY E . -16.90 7.61 -22.01
CAR IKY E . -17.39 6.85 -24.17
CAI IKY E . -18.71 6.66 -24.60
CAG IKY E . -18.94 5.69 -25.57
CAF IKY E . -17.95 4.86 -26.06
CAH IKY E . -16.63 5.02 -25.67
CAP IKY E . -16.36 6.02 -24.69
CAQ IKY E . -14.98 6.00 -24.19
NAK IKY E . -14.53 6.06 -22.97
OAM IKY E . -13.98 5.74 -25.01
CAJ IKY E . -12.81 5.68 -24.18
CAO IKY E . -13.28 5.92 -22.93
CAN IKY E . -12.44 5.94 -21.70
OAA IKY E . -11.22 6.13 -21.76
NAL IKY E . -12.98 5.76 -20.44
OAB IKY E . -12.17 5.76 -19.39
MN MN F . -13.04 6.86 -17.85
FAC IKY G . 5.66 -0.99 5.66
CAS IKY G . 6.62 -0.34 4.98
FAD IKY G . 7.54 0.22 5.84
FAE IKY G . 5.97 0.66 4.30
CAR IKY G . 7.26 -1.35 4.04
CAI IKY G . 6.90 -1.35 2.67
CAG IKY G . 7.55 -2.16 1.74
CAF IKY G . 8.55 -3.03 2.16
CAH IKY G . 8.99 -3.03 3.49
CAP IKY G . 8.36 -2.18 4.41
CAQ IKY G . 8.78 -2.25 5.82
NAK IKY G . 10.00 -2.28 6.31
OAM IKY G . 7.90 -2.25 6.84
CAJ IKY G . 8.67 -2.31 8.04
CAO IKY G . 9.96 -2.32 7.58
CAN IKY G . 11.13 -2.37 8.45
OAA IKY G . 12.25 -2.16 8.09
NAL IKY G . 10.77 -2.58 9.73
OAB IKY G . 11.55 -2.57 10.64
MN MN H . 10.71 -1.28 11.85
MN MN I . 13.52 -2.23 10.09
#